data_6RVE
#
_entry.id   6RVE
#
_cell.length_a   68.420
_cell.length_b   68.420
_cell.length_c   106.670
_cell.angle_alpha   90.00
_cell.angle_beta   90.00
_cell.angle_gamma   90.00
#
_symmetry.space_group_name_H-M   'P 43 21 2'
#
loop_
_entity.id
_entity.type
_entity.pdbx_description
1 polymer 'Proteinase K'
2 non-polymer 'Co-substituted beta-Keggin'
3 non-polymer 'Co-substituted beta-Keggin'
4 non-polymer 'SULFATE ION'
5 non-polymer 'TRIMETHYL GLYCINE'
6 water water
#
_entity_poly.entity_id   1
_entity_poly.type   'polypeptide(L)'
_entity_poly.pdbx_seq_one_letter_code
;AAQTNAPWGLARISSTSPGTSTYYYDESAGQGSCVYVIDTGIEASHPEFEGRAQMVKTYYYSSRDGNGHGTHCAGTVGSR
TYGVAKKTQLFGVKVLDDNGSGQYSTIIAGMDFVASDKNNRNCPKGVVASLSLGGGYSSSVNSAAARLQSSGVMVAVAAG
NNNADARNYSPASEPSVCTVGASDRYDRRSSFSNYGSVLDIFGPGTDILSTWIGGSTRSISGTSMATPHVAGLAAYLMTL
GKTTAASACRYIADTANKGDLSNIPFGTVNLLAYNNYQA
;
_entity_poly.pdbx_strand_id   A
#
# COMPACT_ATOMS: atom_id res chain seq x y z
N ALA A 1 -0.90 -20.23 8.68
CA ALA A 1 -2.10 -20.38 7.78
C ALA A 1 -1.61 -20.41 6.32
N ALA A 2 -2.42 -20.96 5.42
CA ALA A 2 -2.08 -21.10 4.01
C ALA A 2 -3.34 -20.82 3.23
N GLN A 3 -3.24 -19.87 2.31
CA GLN A 3 -4.27 -19.65 1.30
C GLN A 3 -3.82 -20.27 -0.02
N THR A 4 -4.53 -21.30 -0.47
CA THR A 4 -4.19 -21.89 -1.76
C THR A 4 -4.86 -21.12 -2.90
N ASN A 5 -4.27 -21.23 -4.09
CA ASN A 5 -4.77 -20.52 -5.25
C ASN A 5 -4.92 -19.04 -4.97
N ALA A 6 -3.92 -18.49 -4.31
CA ALA A 6 -3.89 -17.09 -3.99
C ALA A 6 -3.49 -16.27 -5.22
N PRO A 7 -3.80 -14.98 -5.19
CA PRO A 7 -3.22 -14.10 -6.21
C PRO A 7 -1.71 -14.21 -6.19
N TRP A 8 -1.08 -14.08 -7.35
CA TRP A 8 0.35 -14.33 -7.41
C TRP A 8 1.14 -13.42 -6.49
N GLY A 9 0.66 -12.20 -6.26
CA GLY A 9 1.41 -11.27 -5.44
C GLY A 9 1.44 -11.67 -3.98
N LEU A 10 0.33 -12.20 -3.49
CA LEU A 10 0.31 -12.72 -2.13
C LEU A 10 1.24 -13.90 -2.01
N ALA A 11 1.17 -14.86 -2.93
CA ALA A 11 2.12 -15.96 -2.90
C ALA A 11 3.55 -15.43 -2.92
N ARG A 12 3.78 -14.39 -3.71
CA ARG A 12 5.16 -13.91 -3.90
C ARG A 12 5.73 -13.38 -2.59
N ILE A 13 4.88 -12.71 -1.79
CA ILE A 13 5.26 -12.11 -0.49
C ILE A 13 5.73 -13.14 0.50
N SER A 14 5.33 -14.41 0.33
CA SER A 14 5.64 -15.45 1.29
C SER A 14 6.58 -16.52 0.76
N SER A 15 7.26 -16.27 -0.37
CA SER A 15 8.16 -17.21 -1.00
C SER A 15 9.48 -16.52 -1.33
N THR A 16 10.56 -17.29 -1.32
CA THR A 16 11.83 -16.76 -1.83
C THR A 16 11.89 -16.77 -3.35
N SER A 17 10.98 -17.49 -4.03
CA SER A 17 11.04 -17.69 -5.46
C SER A 17 9.71 -17.32 -6.09
N PRO A 18 9.75 -16.81 -7.34
CA PRO A 18 8.53 -16.58 -8.10
C PRO A 18 7.86 -17.88 -8.55
N GLY A 19 6.59 -17.80 -8.93
CA GLY A 19 5.91 -18.89 -9.61
C GLY A 19 5.05 -19.76 -8.73
N THR A 20 4.99 -19.50 -7.44
CA THR A 20 4.16 -20.26 -6.52
C THR A 20 2.75 -19.66 -6.44
N SER A 21 1.82 -20.42 -5.86
CA SER A 21 0.44 -19.96 -5.78
C SER A 21 -0.17 -20.10 -4.38
N THR A 22 0.59 -20.46 -3.35
CA THR A 22 0.06 -20.48 -1.99
C THR A 22 0.65 -19.34 -1.18
N TYR A 23 -0.23 -18.58 -0.51
CA TYR A 23 0.19 -17.52 0.42
C TYR A 23 0.22 -18.08 1.85
N TYR A 24 1.40 -18.13 2.43
CA TYR A 24 1.60 -18.65 3.79
C TYR A 24 1.79 -17.44 4.70
N TYR A 25 1.05 -17.40 5.81
CA TYR A 25 1.06 -16.26 6.72
C TYR A 25 0.60 -16.68 8.11
N ASP A 26 1.06 -15.96 9.14
CA ASP A 26 0.60 -16.15 10.50
C ASP A 26 -0.86 -15.76 10.65
N GLU A 27 -1.62 -16.62 11.35
CA GLU A 27 -3.05 -16.45 11.57
C GLU A 27 -3.45 -15.12 12.19
N SER A 28 -2.54 -14.43 12.90
CA SER A 28 -2.89 -13.12 13.46
C SER A 28 -3.36 -12.15 12.38
N ALA A 29 -2.76 -12.21 11.20
CA ALA A 29 -3.30 -11.59 9.99
C ALA A 29 -3.55 -10.07 10.15
N GLY A 30 -2.73 -9.36 10.92
CA GLY A 30 -2.91 -7.93 11.16
C GLY A 30 -4.01 -7.55 12.10
N GLN A 31 -4.57 -8.52 12.83
CA GLN A 31 -5.60 -8.19 13.79
C GLN A 31 -5.05 -7.15 14.79
N GLY A 32 -5.85 -6.10 15.05
CA GLY A 32 -5.47 -5.06 15.99
C GLY A 32 -4.72 -3.92 15.36
N SER A 33 -4.37 -4.03 14.08
CA SER A 33 -3.78 -2.91 13.37
C SER A 33 -4.88 -2.19 12.57
N CYS A 34 -4.54 -1.02 12.08
CA CYS A 34 -5.43 -0.24 11.24
C CYS A 34 -4.65 0.32 10.05
N VAL A 35 -5.27 0.32 8.87
CA VAL A 35 -4.66 0.87 7.66
C VAL A 35 -5.66 1.85 7.04
N TYR A 36 -5.23 3.11 6.93
CA TYR A 36 -5.96 4.13 6.21
C TYR A 36 -5.59 4.06 4.72
N VAL A 37 -6.60 3.88 3.87
CA VAL A 37 -6.43 3.82 2.44
C VAL A 37 -6.86 5.17 1.90
N ILE A 38 -5.86 5.99 1.53
CA ILE A 38 -6.10 7.39 1.14
C ILE A 38 -6.17 7.44 -0.38
N ASP A 39 -7.40 7.54 -0.93
CA ASP A 39 -7.60 7.16 -2.32
C ASP A 39 -8.94 7.66 -2.83
N THR A 40 -9.58 6.94 -3.76
CA THR A 40 -10.89 7.30 -4.28
C THR A 40 -12.05 6.85 -3.38
N GLY A 41 -11.78 6.33 -2.19
CA GLY A 41 -12.80 5.77 -1.32
C GLY A 41 -12.69 4.25 -1.29
N ILE A 42 -13.62 3.64 -0.55
CA ILE A 42 -13.74 2.19 -0.46
C ILE A 42 -15.22 1.84 -0.49
N GLU A 43 -15.59 0.86 -1.31
CA GLU A 43 -16.92 0.26 -1.26
C GLU A 43 -16.95 -0.64 -0.04
N ALA A 44 -17.26 -0.01 1.09
CA ALA A 44 -17.13 -0.67 2.36
C ALA A 44 -18.16 -1.76 2.43
N SER A 45 -19.30 -1.64 1.64
CA SER A 45 -20.18 -2.83 1.70
C SER A 45 -19.67 -4.15 1.04
N HIS A 46 -18.56 -4.17 0.36
CA HIS A 46 -18.16 -5.38 -0.38
C HIS A 46 -18.01 -6.56 0.57
N PRO A 47 -18.62 -7.70 0.26
CA PRO A 47 -18.45 -8.89 1.11
C PRO A 47 -17.03 -9.26 1.46
N GLU A 48 -16.07 -8.99 0.57
CA GLU A 48 -14.68 -9.33 0.83
C GLU A 48 -14.06 -8.55 2.01
N PHE A 49 -14.68 -7.46 2.47
CA PHE A 49 -14.15 -6.74 3.60
C PHE A 49 -14.71 -7.27 4.92
N GLU A 50 -15.78 -8.08 4.86
CA GLU A 50 -16.30 -8.76 6.04
C GLU A 50 -16.64 -7.79 7.18
N GLY A 51 -17.08 -6.59 6.85
CA GLY A 51 -17.40 -5.59 7.82
C GLY A 51 -16.22 -4.84 8.41
N ARG A 52 -14.98 -5.15 8.02
CA ARG A 52 -13.77 -4.55 8.59
C ARG A 52 -13.38 -3.26 7.90
N ALA A 53 -14.21 -2.72 7.02
CA ALA A 53 -13.89 -1.49 6.32
C ALA A 53 -14.94 -0.42 6.61
N GLN A 54 -14.50 0.84 6.69
CA GLN A 54 -15.46 1.92 6.81
C GLN A 54 -14.83 3.19 6.28
N MET A 55 -15.67 4.02 5.67
CA MET A 55 -15.25 5.36 5.28
C MET A 55 -15.25 6.26 6.50
N VAL A 56 -14.24 7.11 6.60
CA VAL A 56 -14.14 8.07 7.70
C VAL A 56 -14.06 9.51 7.24
N LYS A 57 -13.81 9.79 5.98
CA LYS A 57 -13.67 11.17 5.54
C LYS A 57 -13.75 11.20 4.04
N THR A 58 -14.42 12.21 3.50
CA THR A 58 -14.34 12.52 2.08
C THR A 58 -14.07 14.01 1.90
N TYR A 59 -13.54 14.33 0.71
CA TYR A 59 -13.29 15.69 0.27
C TYR A 59 -14.14 16.05 -0.94
N TYR A 60 -15.19 15.26 -1.17
CA TYR A 60 -16.08 15.46 -2.30
C TYR A 60 -17.50 15.32 -1.79
N TYR A 61 -18.47 15.57 -2.67
CA TYR A 61 -19.84 15.53 -2.20
C TYR A 61 -20.16 14.16 -1.59
N SER A 62 -19.65 13.10 -2.20
CA SER A 62 -19.96 11.78 -1.77
C SER A 62 -18.70 11.09 -1.25
N SER A 63 -18.91 10.05 -0.43
CA SER A 63 -17.90 9.15 0.05
C SER A 63 -17.81 7.87 -0.76
N ARG A 64 -18.69 7.70 -1.75
CA ARG A 64 -18.67 6.53 -2.59
C ARG A 64 -17.42 6.47 -3.45
N ASP A 65 -16.91 5.26 -3.62
CA ASP A 65 -15.85 5.03 -4.60
C ASP A 65 -16.54 4.83 -5.94
N GLY A 66 -16.61 5.89 -6.72
CA GLY A 66 -17.16 5.75 -8.05
C GLY A 66 -16.19 5.33 -9.11
N ASN A 67 -14.96 5.02 -8.72
CA ASN A 67 -13.91 4.65 -9.66
C ASN A 67 -13.54 3.17 -9.57
N GLY A 68 -13.22 2.70 -8.36
CA GLY A 68 -12.77 1.33 -8.14
C GLY A 68 -11.35 1.25 -7.62
N HIS A 69 -10.54 2.25 -7.91
CA HIS A 69 -9.13 2.21 -7.58
C HIS A 69 -8.94 2.03 -6.08
N GLY A 70 -9.63 2.84 -5.27
CA GLY A 70 -9.45 2.76 -3.83
C GLY A 70 -9.93 1.42 -3.28
N THR A 71 -11.06 0.92 -3.79
CA THR A 71 -11.55 -0.39 -3.38
C THR A 71 -10.53 -1.47 -3.72
N HIS A 72 -9.90 -1.36 -4.90
CA HIS A 72 -8.88 -2.34 -5.28
C HIS A 72 -7.70 -2.32 -4.32
N CYS A 73 -7.22 -1.11 -4.02
CA CYS A 73 -6.06 -0.98 -3.13
C CYS A 73 -6.40 -1.50 -1.75
N ALA A 74 -7.58 -1.11 -1.23
CA ALA A 74 -7.98 -1.58 0.07
C ALA A 74 -8.09 -3.10 0.09
N GLY A 75 -8.55 -3.72 -1.01
CA GLY A 75 -8.62 -5.17 -1.04
C GLY A 75 -7.26 -5.84 -0.98
N THR A 76 -6.25 -5.21 -1.60
CA THR A 76 -4.90 -5.78 -1.47
C THR A 76 -4.31 -5.61 -0.06
N VAL A 77 -4.68 -4.56 0.66
CA VAL A 77 -4.28 -4.47 2.05
C VAL A 77 -4.91 -5.55 2.88
N GLY A 78 -6.24 -5.68 2.76
CA GLY A 78 -7.00 -6.34 3.80
C GLY A 78 -8.22 -7.18 3.47
N SER A 79 -8.51 -7.45 2.21
CA SER A 79 -9.68 -8.31 1.92
C SER A 79 -9.36 -9.76 2.26
N ARG A 80 -10.43 -10.55 2.47
CA ARG A 80 -10.29 -11.95 2.80
C ARG A 80 -9.50 -12.73 1.75
N THR A 81 -9.86 -12.58 0.47
CA THR A 81 -9.23 -13.36 -0.59
C THR A 81 -8.02 -12.65 -1.19
N TYR A 82 -8.03 -11.33 -1.28
CA TYR A 82 -7.01 -10.64 -2.07
C TYR A 82 -6.03 -9.85 -1.20
N GLY A 83 -6.21 -9.88 0.11
CA GLY A 83 -5.43 -9.08 1.03
C GLY A 83 -4.25 -9.73 1.74
N VAL A 84 -3.26 -8.90 2.03
CA VAL A 84 -2.08 -9.32 2.78
C VAL A 84 -2.43 -9.57 4.23
N ALA A 85 -3.16 -8.61 4.86
CA ALA A 85 -3.45 -8.59 6.31
C ALA A 85 -4.95 -8.75 6.46
N LYS A 86 -5.40 -9.99 6.48
CA LYS A 86 -6.80 -10.35 6.31
C LYS A 86 -7.68 -10.00 7.52
N LYS A 87 -7.11 -9.57 8.62
CA LYS A 87 -7.89 -9.18 9.79
C LYS A 87 -7.67 -7.71 10.19
N THR A 88 -6.95 -6.95 9.39
CA THR A 88 -6.77 -5.54 9.73
C THR A 88 -8.09 -4.76 9.62
N GLN A 89 -8.13 -3.59 10.29
CA GLN A 89 -9.22 -2.64 10.12
C GLN A 89 -8.84 -1.63 9.06
N LEU A 90 -9.75 -1.38 8.13
CA LEU A 90 -9.53 -0.50 7.01
C LEU A 90 -10.34 0.78 7.18
N PHE A 91 -9.70 1.93 6.99
CA PHE A 91 -10.38 3.20 7.02
C PHE A 91 -10.18 3.92 5.71
N GLY A 92 -11.28 4.38 5.11
CA GLY A 92 -11.21 5.05 3.83
C GLY A 92 -11.23 6.55 3.96
N VAL A 93 -10.33 7.21 3.22
CA VAL A 93 -10.25 8.67 3.15
C VAL A 93 -10.25 9.03 1.68
N LYS A 94 -11.32 9.66 1.21
CA LYS A 94 -11.51 9.95 -0.21
C LYS A 94 -10.92 11.31 -0.52
N VAL A 95 -9.64 11.31 -0.95
CA VAL A 95 -8.98 12.51 -1.45
C VAL A 95 -8.98 12.58 -2.95
N LEU A 96 -9.31 11.49 -3.65
CA LEU A 96 -9.33 11.45 -5.08
C LEU A 96 -10.77 11.38 -5.56
N ASP A 97 -11.05 12.08 -6.65
CA ASP A 97 -12.37 12.05 -7.25
C ASP A 97 -12.57 10.76 -8.03
N ASP A 98 -13.74 10.64 -8.64
CA ASP A 98 -14.10 9.39 -9.32
C ASP A 98 -13.35 9.20 -10.64
N ASN A 99 -12.61 10.22 -11.08
CA ASN A 99 -11.71 10.06 -12.20
C ASN A 99 -10.31 9.72 -11.76
N GLY A 100 -10.10 9.60 -10.44
CA GLY A 100 -8.81 9.29 -9.88
C GLY A 100 -7.89 10.47 -9.66
N SER A 101 -8.41 11.68 -9.75
CA SER A 101 -7.60 12.89 -9.58
C SER A 101 -7.90 13.59 -8.27
N GLY A 102 -6.91 14.35 -7.79
CA GLY A 102 -7.15 15.21 -6.65
C GLY A 102 -6.15 16.34 -6.61
N GLN A 103 -6.59 17.47 -6.07
CA GLN A 103 -5.69 18.59 -5.87
C GLN A 103 -4.71 18.29 -4.74
N TYR A 104 -3.48 18.79 -4.90
CA TYR A 104 -2.50 18.64 -3.85
C TYR A 104 -2.99 19.21 -2.50
N SER A 105 -3.73 20.31 -2.52
CA SER A 105 -4.22 20.81 -1.24
C SER A 105 -5.13 19.79 -0.53
N THR A 106 -5.93 19.05 -1.30
CA THR A 106 -6.81 18.04 -0.72
C THR A 106 -6.03 16.84 -0.21
N ILE A 107 -5.02 16.40 -0.95
CA ILE A 107 -4.20 15.28 -0.54
C ILE A 107 -3.46 15.62 0.76
N ILE A 108 -2.97 16.86 0.87
CA ILE A 108 -2.33 17.32 2.11
C ILE A 108 -3.32 17.29 3.28
N ALA A 109 -4.51 17.85 3.06
CA ALA A 109 -5.51 17.90 4.12
C ALA A 109 -5.88 16.49 4.57
N GLY A 110 -5.96 15.55 3.62
CA GLY A 110 -6.26 14.16 3.97
C GLY A 110 -5.18 13.54 4.83
N MET A 111 -3.91 13.78 4.52
CA MET A 111 -2.87 13.25 5.39
C MET A 111 -2.95 13.83 6.80
N ASP A 112 -3.11 15.15 6.91
CA ASP A 112 -3.24 15.74 8.22
C ASP A 112 -4.45 15.23 8.98
N PHE A 113 -5.53 14.94 8.24
CA PHE A 113 -6.71 14.35 8.87
C PHE A 113 -6.39 13.02 9.49
N VAL A 114 -5.66 12.17 8.79
CA VAL A 114 -5.33 10.85 9.32
C VAL A 114 -4.48 10.99 10.57
N ALA A 115 -3.49 11.87 10.53
CA ALA A 115 -2.61 12.05 11.67
C ALA A 115 -3.39 12.37 12.95
N SER A 116 -4.48 13.09 12.83
CA SER A 116 -5.32 13.39 13.99
C SER A 116 -6.36 12.29 14.26
N ASP A 117 -7.02 11.81 13.19
CA ASP A 117 -8.13 10.89 13.37
C ASP A 117 -7.69 9.62 14.04
N LYS A 118 -6.44 9.19 13.84
CA LYS A 118 -6.02 7.94 14.45
C LYS A 118 -6.23 7.97 15.96
N ASN A 119 -6.23 9.17 16.55
CA ASN A 119 -6.47 9.29 17.98
C ASN A 119 -7.92 9.08 18.39
N ASN A 120 -8.82 8.87 17.43
CA ASN A 120 -10.21 8.53 17.69
C ASN A 120 -10.44 7.03 17.59
N ARG A 121 -9.39 6.27 17.24
CA ARG A 121 -9.57 4.89 16.79
C ARG A 121 -8.82 3.93 17.70
N ASN A 122 -9.33 2.70 17.77
CA ASN A 122 -8.64 1.67 18.52
C ASN A 122 -7.80 0.79 17.61
N CYS A 123 -6.50 1.04 17.66
CA CYS A 123 -5.54 0.39 16.79
C CYS A 123 -4.36 -0.02 17.66
N PRO A 124 -4.58 -0.96 18.57
CA PRO A 124 -3.53 -1.27 19.55
C PRO A 124 -2.21 -1.76 18.95
N LYS A 125 -2.24 -2.37 17.77
CA LYS A 125 -1.01 -2.85 17.16
C LYS A 125 -0.38 -1.82 16.23
N GLY A 126 -1.01 -0.66 16.06
CA GLY A 126 -0.45 0.46 15.30
C GLY A 126 -1.21 0.77 14.03
N VAL A 127 -0.74 1.82 13.36
CA VAL A 127 -1.44 2.50 12.29
C VAL A 127 -0.53 2.61 11.08
N VAL A 128 -1.08 2.34 9.91
CA VAL A 128 -0.44 2.42 8.61
C VAL A 128 -1.30 3.27 7.71
N ALA A 129 -0.67 3.98 6.79
CA ALA A 129 -1.38 4.71 5.72
C ALA A 129 -0.81 4.31 4.38
N SER A 130 -1.72 4.00 3.42
CA SER A 130 -1.38 3.56 2.08
C SER A 130 -1.83 4.64 1.11
N LEU A 131 -0.86 5.21 0.39
CA LEU A 131 -1.05 6.32 -0.56
C LEU A 131 -0.66 5.90 -1.97
N SER A 132 -1.61 5.33 -2.68
CA SER A 132 -1.41 4.94 -4.06
C SER A 132 -1.77 6.07 -5.00
N LEU A 133 -0.96 7.14 -4.91
CA LEU A 133 -1.24 8.38 -5.60
C LEU A 133 0.05 9.16 -5.70
N GLY A 134 0.02 10.19 -6.52
CA GLY A 134 1.15 11.10 -6.61
C GLY A 134 1.07 11.93 -7.87
N GLY A 135 1.95 12.90 -7.93
CA GLY A 135 2.08 13.74 -9.11
C GLY A 135 3.48 14.33 -9.09
N GLY A 136 3.65 15.49 -9.72
CA GLY A 136 4.97 16.12 -9.78
C GLY A 136 5.49 16.57 -8.42
N TYR A 137 6.80 16.79 -8.38
CA TYR A 137 7.47 17.16 -7.14
C TYR A 137 6.76 18.34 -6.50
N SER A 138 6.48 18.21 -5.21
CA SER A 138 5.93 19.29 -4.40
C SER A 138 6.51 19.19 -2.99
N SER A 139 7.21 20.24 -2.54
CA SER A 139 7.72 20.17 -1.19
C SER A 139 6.62 20.11 -0.16
N SER A 140 5.48 20.76 -0.42
CA SER A 140 4.39 20.77 0.54
CA SER A 140 4.39 20.77 0.54
C SER A 140 3.74 19.39 0.64
N VAL A 141 3.61 18.68 -0.48
CA VAL A 141 3.10 17.32 -0.39
C VAL A 141 4.06 16.42 0.36
N ASN A 142 5.36 16.54 0.06
CA ASN A 142 6.34 15.73 0.78
C ASN A 142 6.32 16.04 2.27
N SER A 143 6.23 17.31 2.62
CA SER A 143 6.19 17.64 4.04
C SER A 143 4.97 17.07 4.74
N ALA A 144 3.81 17.05 4.06
CA ALA A 144 2.61 16.43 4.66
C ALA A 144 2.82 14.96 4.93
N ALA A 145 3.48 14.26 4.00
CA ALA A 145 3.72 12.84 4.22
C ALA A 145 4.72 12.63 5.34
N ALA A 146 5.77 13.48 5.39
CA ALA A 146 6.69 13.43 6.52
C ALA A 146 5.99 13.66 7.86
N ARG A 147 5.04 14.61 7.92
CA ARG A 147 4.35 14.85 9.19
C ARG A 147 3.53 13.63 9.59
N LEU A 148 2.88 13.00 8.60
CA LEU A 148 2.03 11.85 8.91
C LEU A 148 2.89 10.72 9.48
N GLN A 149 4.06 10.50 8.89
CA GLN A 149 4.99 9.51 9.42
C GLN A 149 5.48 9.89 10.82
N SER A 150 5.87 11.14 10.98
CA SER A 150 6.35 11.62 12.28
C SER A 150 5.31 11.44 13.38
N SER A 151 4.03 11.59 13.03
CA SER A 151 2.94 11.48 13.99
C SER A 151 2.73 10.07 14.47
N GLY A 152 3.41 9.09 13.88
CA GLY A 152 3.37 7.74 14.36
C GLY A 152 2.71 6.74 13.42
N VAL A 153 2.51 7.10 12.17
CA VAL A 153 1.86 6.25 11.18
C VAL A 153 2.92 5.73 10.24
N MET A 154 2.84 4.42 9.93
CA MET A 154 3.72 3.86 8.90
C MET A 154 3.18 4.26 7.53
N VAL A 155 3.84 5.19 6.84
CA VAL A 155 3.35 5.71 5.56
C VAL A 155 4.03 4.98 4.40
N ALA A 156 3.22 4.34 3.55
CA ALA A 156 3.70 3.70 2.32
C ALA A 156 3.13 4.45 1.14
N VAL A 157 3.97 4.84 0.14
CA VAL A 157 3.53 5.57 -1.02
C VAL A 157 4.04 4.96 -2.32
N ALA A 158 3.26 5.16 -3.39
CA ALA A 158 3.62 4.63 -4.69
C ALA A 158 4.79 5.38 -5.30
N ALA A 159 5.69 4.65 -5.95
CA ALA A 159 6.82 5.31 -6.61
C ALA A 159 6.38 6.11 -7.83
N GLY A 160 5.28 5.69 -8.47
CA GLY A 160 4.82 6.29 -9.70
C GLY A 160 5.03 5.38 -10.90
N ASN A 161 4.28 5.65 -11.99
CA ASN A 161 4.20 4.78 -13.16
C ASN A 161 4.76 5.46 -14.41
N ASN A 162 5.86 6.20 -14.25
CA ASN A 162 6.41 6.98 -15.31
C ASN A 162 7.66 6.38 -15.93
N ASN A 163 8.05 5.17 -15.52
CA ASN A 163 9.31 4.57 -15.93
C ASN A 163 10.45 5.60 -15.88
N ALA A 164 10.53 6.28 -14.73
CA ALA A 164 11.49 7.38 -14.56
C ALA A 164 11.97 7.43 -13.10
N ASP A 165 12.92 8.33 -12.84
CA ASP A 165 13.40 8.53 -11.48
C ASP A 165 12.32 9.18 -10.62
N ALA A 166 11.99 8.53 -9.53
CA ALA A 166 10.97 9.01 -8.59
C ALA A 166 11.33 10.29 -7.85
N ARG A 167 12.58 10.77 -7.98
CA ARG A 167 13.00 12.01 -7.33
C ARG A 167 12.15 13.21 -7.79
N ASN A 168 11.52 13.09 -8.95
CA ASN A 168 10.70 14.16 -9.51
C ASN A 168 9.22 14.03 -9.28
N TYR A 169 8.81 13.21 -8.34
CA TYR A 169 7.41 12.96 -8.04
C TYR A 169 7.20 13.00 -6.53
N SER A 170 5.96 13.31 -6.14
CA SER A 170 5.59 13.42 -4.73
C SER A 170 4.24 12.74 -4.49
N PRO A 171 4.07 12.09 -3.33
CA PRO A 171 5.04 12.01 -2.24
C PRO A 171 6.16 10.99 -2.36
N ALA A 172 6.32 10.38 -3.53
CA ALA A 172 7.35 9.36 -3.74
C ALA A 172 8.72 9.83 -3.28
N SER A 173 9.06 11.07 -3.56
CA SER A 173 10.41 11.57 -3.30
C SER A 173 10.65 11.94 -1.83
N GLU A 174 9.67 11.87 -0.96
CA GLU A 174 9.88 12.20 0.46
C GLU A 174 10.76 11.11 1.10
N PRO A 175 11.94 11.44 1.64
CA PRO A 175 12.81 10.37 2.16
C PRO A 175 12.24 9.59 3.32
N SER A 176 11.43 10.20 4.17
CA SER A 176 11.11 9.58 5.46
C SER A 176 9.95 8.60 5.40
N VAL A 177 9.29 8.50 4.25
CA VAL A 177 8.21 7.53 4.09
C VAL A 177 8.73 6.33 3.30
N CYS A 178 7.89 5.32 3.10
CA CYS A 178 8.29 4.09 2.40
C CYS A 178 7.81 4.14 0.96
N THR A 179 8.75 4.34 0.02
CA THR A 179 8.44 4.51 -1.40
C THR A 179 8.54 3.16 -2.11
N VAL A 180 7.44 2.74 -2.76
CA VAL A 180 7.25 1.38 -3.24
C VAL A 180 7.22 1.32 -4.78
N GLY A 181 8.17 0.58 -5.35
CA GLY A 181 8.14 0.23 -6.76
C GLY A 181 7.38 -1.05 -7.03
N ALA A 182 7.15 -1.34 -8.31
CA ALA A 182 6.34 -2.48 -8.75
C ALA A 182 7.17 -3.52 -9.49
N SER A 183 6.83 -4.78 -9.23
CA SER A 183 7.38 -5.92 -9.97
C SER A 183 6.27 -6.75 -10.59
N ASP A 184 6.67 -7.63 -11.51
CA ASP A 184 5.77 -8.55 -12.17
C ASP A 184 6.02 -9.99 -11.75
N ARG A 185 5.13 -10.89 -12.20
CA ARG A 185 5.16 -12.25 -11.67
C ARG A 185 6.40 -13.04 -12.05
N TYR A 186 7.22 -12.52 -12.98
CA TYR A 186 8.48 -13.16 -13.35
C TYR A 186 9.67 -12.46 -12.70
N ASP A 187 9.42 -11.64 -11.69
CA ASP A 187 10.47 -10.93 -10.99
C ASP A 187 11.20 -9.90 -11.86
N ARG A 188 10.54 -9.37 -12.88
CA ARG A 188 11.05 -8.18 -13.55
C ARG A 188 10.50 -6.91 -12.90
N ARG A 189 11.30 -5.85 -12.87
CA ARG A 189 10.72 -4.55 -12.60
C ARG A 189 9.55 -4.35 -13.56
N SER A 190 8.41 -3.90 -13.04
CA SER A 190 7.30 -3.63 -13.92
C SER A 190 7.68 -2.57 -14.92
N SER A 191 7.16 -2.68 -16.14
CA SER A 191 7.68 -1.87 -17.25
C SER A 191 7.45 -0.39 -17.02
N PHE A 192 6.41 -0.06 -16.27
CA PHE A 192 6.04 1.31 -15.97
C PHE A 192 6.63 1.82 -14.67
N SER A 193 7.23 0.95 -13.86
CA SER A 193 7.58 1.39 -12.50
C SER A 193 8.68 2.45 -12.51
N ASN A 194 8.51 3.50 -11.70
CA ASN A 194 9.60 4.38 -11.40
C ASN A 194 10.68 3.62 -10.62
N TYR A 195 11.81 4.29 -10.49
CA TYR A 195 13.04 3.71 -9.96
C TYR A 195 13.78 4.87 -9.31
N GLY A 196 15.01 4.64 -8.87
CA GLY A 196 15.79 5.70 -8.27
C GLY A 196 16.18 5.40 -6.83
N SER A 197 17.11 6.22 -6.36
CA SER A 197 17.66 6.04 -5.03
C SER A 197 16.60 6.18 -3.94
N VAL A 198 15.52 6.95 -4.18
CA VAL A 198 14.51 7.12 -3.15
C VAL A 198 13.63 5.90 -2.94
N LEU A 199 13.60 4.96 -3.87
CA LEU A 199 12.80 3.77 -3.59
C LEU A 199 13.35 3.02 -2.39
N ASP A 200 12.45 2.50 -1.58
CA ASP A 200 12.86 1.68 -0.46
C ASP A 200 12.67 0.20 -0.68
N ILE A 201 11.71 -0.17 -1.53
CA ILE A 201 11.25 -1.56 -1.63
C ILE A 201 10.44 -1.70 -2.88
N PHE A 202 10.35 -2.94 -3.39
CA PHE A 202 9.42 -3.34 -4.43
C PHE A 202 8.36 -4.26 -3.89
N GLY A 203 7.17 -4.15 -4.49
CA GLY A 203 6.14 -5.14 -4.24
C GLY A 203 5.46 -5.52 -5.54
N PRO A 204 4.65 -6.58 -5.51
CA PRO A 204 3.93 -7.01 -6.72
C PRO A 204 3.00 -5.91 -7.24
N GLY A 205 3.09 -5.57 -8.53
CA GLY A 205 2.27 -4.52 -9.09
C GLY A 205 1.71 -4.75 -10.50
N THR A 206 2.20 -5.79 -11.23
CA THR A 206 1.65 -6.07 -12.56
C THR A 206 0.63 -7.22 -12.47
N ASP A 207 -0.61 -6.95 -12.96
CA ASP A 207 -1.68 -7.95 -13.03
C ASP A 207 -2.08 -8.47 -11.65
N ILE A 208 -2.53 -7.53 -10.81
CA ILE A 208 -2.92 -7.79 -9.43
C ILE A 208 -4.43 -7.86 -9.32
N LEU A 209 -4.93 -9.04 -8.93
CA LEU A 209 -6.35 -9.27 -8.73
C LEU A 209 -6.74 -8.78 -7.33
N SER A 210 -7.81 -8.00 -7.28
CA SER A 210 -8.34 -7.53 -6.01
C SER A 210 -9.83 -7.20 -6.19
N THR A 211 -10.39 -6.66 -5.13
CA THR A 211 -11.76 -6.21 -5.12
C THR A 211 -11.98 -5.02 -6.08
N TRP A 212 -13.22 -4.87 -6.54
CA TRP A 212 -13.64 -3.74 -7.36
C TRP A 212 -15.06 -3.37 -6.94
N ILE A 213 -15.49 -2.18 -7.39
CA ILE A 213 -16.85 -1.72 -7.06
C ILE A 213 -17.93 -2.55 -7.76
N GLY A 214 -19.12 -2.42 -7.23
CA GLY A 214 -20.23 -3.28 -7.62
C GLY A 214 -20.08 -4.70 -7.11
N GLY A 215 -19.36 -4.87 -6.02
CA GLY A 215 -19.18 -6.20 -5.46
C GLY A 215 -18.44 -7.15 -6.37
N SER A 216 -17.51 -6.63 -7.17
CA SER A 216 -16.83 -7.38 -8.20
C SER A 216 -15.34 -7.52 -7.86
N THR A 217 -14.58 -8.04 -8.83
CA THR A 217 -13.13 -8.19 -8.71
C THR A 217 -12.52 -7.85 -10.04
N ARG A 218 -11.26 -7.44 -10.05
CA ARG A 218 -10.60 -7.27 -11.32
C ARG A 218 -9.10 -7.17 -11.10
N SER A 219 -8.36 -7.42 -12.16
CA SER A 219 -6.90 -7.33 -12.15
C SER A 219 -6.47 -6.05 -12.86
N ILE A 220 -5.63 -5.24 -12.20
CA ILE A 220 -5.06 -4.05 -12.80
C ILE A 220 -3.60 -3.95 -12.36
N SER A 221 -2.88 -3.00 -12.99
CA SER A 221 -1.44 -2.91 -12.85
C SER A 221 -1.00 -1.50 -12.49
N GLY A 222 -0.05 -1.36 -11.58
CA GLY A 222 0.53 -0.09 -11.24
C GLY A 222 1.33 -0.13 -9.97
N THR A 223 2.16 0.91 -9.74
CA THR A 223 2.74 1.03 -8.42
C THR A 223 1.65 1.26 -7.37
N SER A 224 0.44 1.67 -7.79
CA SER A 224 -0.68 1.73 -6.87
C SER A 224 -1.04 0.38 -6.27
N MET A 225 -0.72 -0.71 -6.98
CA MET A 225 -1.05 -2.07 -6.55
C MET A 225 0.05 -2.64 -5.70
N ALA A 226 1.30 -2.19 -5.94
CA ALA A 226 2.43 -2.61 -5.12
C ALA A 226 2.33 -2.04 -3.69
N THR A 227 2.00 -0.74 -3.60
CA THR A 227 1.97 -0.02 -2.34
C THR A 227 1.15 -0.71 -1.28
N PRO A 228 -0.09 -1.13 -1.55
CA PRO A 228 -0.88 -1.80 -0.50
C PRO A 228 -0.37 -3.15 -0.10
N HIS A 229 0.46 -3.81 -0.93
CA HIS A 229 1.10 -5.04 -0.47
C HIS A 229 2.05 -4.72 0.68
N VAL A 230 2.80 -3.61 0.52
CA VAL A 230 3.74 -3.20 1.55
C VAL A 230 3.03 -2.65 2.77
N ALA A 231 1.97 -1.85 2.58
CA ALA A 231 1.18 -1.36 3.70
C ALA A 231 0.59 -2.52 4.48
N GLY A 232 0.03 -3.51 3.79
CA GLY A 232 -0.53 -4.62 4.50
C GLY A 232 0.54 -5.46 5.19
N LEU A 233 1.70 -5.63 4.54
CA LEU A 233 2.80 -6.35 5.19
C LEU A 233 3.23 -5.63 6.45
N ALA A 234 3.32 -4.31 6.41
CA ALA A 234 3.72 -3.58 7.63
C ALA A 234 2.70 -3.82 8.73
N ALA A 235 1.41 -3.80 8.39
CA ALA A 235 0.38 -4.01 9.42
C ALA A 235 0.49 -5.41 10.02
N TYR A 236 0.71 -6.38 9.14
CA TYR A 236 0.93 -7.76 9.57
C TYR A 236 2.12 -7.87 10.53
N LEU A 237 3.25 -7.25 10.16
CA LEU A 237 4.45 -7.39 10.99
C LEU A 237 4.32 -6.62 12.32
N MET A 238 3.66 -5.46 12.29
CA MET A 238 3.36 -4.71 13.51
C MET A 238 2.48 -5.51 14.45
N THR A 239 1.44 -6.18 13.91
CA THR A 239 0.61 -7.04 14.73
C THR A 239 1.44 -8.14 15.37
N LEU A 240 2.41 -8.70 14.64
CA LEU A 240 3.29 -9.72 15.20
C LEU A 240 4.31 -9.17 16.19
N GLY A 241 4.42 -7.85 16.31
CA GLY A 241 5.41 -7.32 17.23
C GLY A 241 6.82 -7.31 16.69
N LYS A 242 7.00 -7.58 15.42
CA LYS A 242 8.34 -7.65 14.86
C LYS A 242 8.91 -6.30 14.53
N THR A 243 8.07 -5.28 14.38
CA THR A 243 8.57 -3.98 14.04
C THR A 243 7.57 -2.95 14.54
N THR A 244 7.87 -1.68 14.27
CA THR A 244 7.07 -0.56 14.72
C THR A 244 6.72 0.32 13.53
N ALA A 245 5.78 1.27 13.74
CA ALA A 245 5.47 2.17 12.65
C ALA A 245 6.71 2.92 12.18
N ALA A 246 7.55 3.33 13.13
CA ALA A 246 8.68 4.16 12.79
C ALA A 246 9.73 3.39 12.00
N SER A 247 9.81 2.08 12.22
CA SER A 247 10.91 1.29 11.69
C SER A 247 10.47 0.26 10.67
N ALA A 248 9.18 0.18 10.36
CA ALA A 248 8.71 -0.93 9.54
C ALA A 248 9.27 -0.92 8.13
N CYS A 249 9.47 0.25 7.53
CA CYS A 249 10.01 0.31 6.17
C CYS A 249 11.42 -0.28 6.16
N ARG A 250 12.26 0.19 7.06
CA ARG A 250 13.61 -0.32 7.20
C ARG A 250 13.62 -1.81 7.49
N TYR A 251 12.73 -2.26 8.38
CA TYR A 251 12.65 -3.68 8.68
C TYR A 251 12.25 -4.51 7.46
N ILE A 252 11.26 -4.04 6.70
CA ILE A 252 10.87 -4.70 5.46
C ILE A 252 12.06 -4.75 4.51
N ALA A 253 12.81 -3.66 4.38
CA ALA A 253 13.98 -3.70 3.51
C ALA A 253 15.02 -4.67 4.04
N ASP A 254 15.25 -4.67 5.37
CA ASP A 254 16.23 -5.57 6.00
C ASP A 254 15.92 -7.03 5.69
N THR A 255 14.62 -7.38 5.67
CA THR A 255 14.16 -8.76 5.61
C THR A 255 13.65 -9.17 4.23
N ALA A 256 13.85 -8.34 3.23
CA ALA A 256 13.33 -8.53 1.91
C ALA A 256 14.11 -9.61 1.17
N ASN A 257 13.50 -10.16 0.13
CA ASN A 257 14.24 -10.92 -0.86
C ASN A 257 15.14 -10.00 -1.65
N LYS A 258 16.44 -10.29 -1.66
CA LYS A 258 17.42 -9.39 -2.21
C LYS A 258 17.97 -9.99 -3.48
N GLY A 259 18.09 -9.16 -4.52
CA GLY A 259 18.77 -9.60 -5.74
C GLY A 259 17.94 -10.42 -6.69
N ASP A 260 16.64 -10.47 -6.51
CA ASP A 260 15.80 -11.33 -7.31
C ASP A 260 15.23 -10.67 -8.55
N LEU A 261 15.19 -9.34 -8.60
CA LEU A 261 14.51 -8.63 -9.67
C LEU A 261 15.46 -8.33 -10.82
N SER A 262 14.93 -8.35 -12.02
CA SER A 262 15.66 -7.95 -13.21
C SER A 262 15.23 -6.57 -13.70
N ASN A 263 16.09 -5.96 -14.50
CA ASN A 263 15.92 -4.63 -15.07
C ASN A 263 15.76 -3.57 -13.97
N ILE A 264 16.54 -3.74 -12.90
CA ILE A 264 16.69 -2.72 -11.86
C ILE A 264 17.87 -1.81 -12.23
N PRO A 265 17.65 -0.51 -12.46
CA PRO A 265 18.79 0.36 -12.83
C PRO A 265 19.78 0.49 -11.69
N PHE A 266 21.06 0.71 -12.06
CA PHE A 266 22.10 0.99 -11.09
C PHE A 266 21.65 2.12 -10.18
N GLY A 267 21.80 1.92 -8.88
CA GLY A 267 21.42 2.94 -7.91
C GLY A 267 20.05 2.75 -7.28
N THR A 268 19.28 1.79 -7.74
CA THR A 268 17.97 1.45 -7.18
C THR A 268 18.09 0.15 -6.41
N VAL A 269 17.43 0.07 -5.25
CA VAL A 269 17.51 -1.15 -4.46
C VAL A 269 16.89 -2.33 -5.22
N ASN A 270 17.45 -3.52 -5.00
CA ASN A 270 16.89 -4.77 -5.57
C ASN A 270 16.36 -5.57 -4.39
N LEU A 271 15.18 -5.15 -3.89
CA LEU A 271 14.60 -5.67 -2.66
C LEU A 271 13.10 -5.84 -2.87
N LEU A 272 12.63 -7.03 -2.56
CA LEU A 272 11.25 -7.41 -2.81
C LEU A 272 10.61 -7.85 -1.49
N ALA A 273 9.49 -7.19 -1.16
CA ALA A 273 8.84 -7.41 0.12
C ALA A 273 8.58 -8.88 0.36
N TYR A 274 8.84 -9.33 1.59
CA TYR A 274 8.86 -10.73 1.99
C TYR A 274 8.51 -10.85 3.45
N ASN A 275 7.57 -11.75 3.80
CA ASN A 275 7.13 -11.91 5.19
C ASN A 275 7.98 -12.86 6.02
N ASN A 276 8.91 -13.62 5.40
CA ASN A 276 9.75 -14.56 6.10
C ASN A 276 8.95 -15.49 7.01
N TYR A 277 7.76 -15.88 6.58
CA TYR A 277 6.97 -16.75 7.44
C TYR A 277 7.50 -18.20 7.42
#